data_7TGS
#
_entry.id   7TGS
#
_cell.length_a   38.505
_cell.length_b   57.879
_cell.length_c   78.010
_cell.angle_alpha   90.000
_cell.angle_beta   90.000
_cell.angle_gamma   90.000
#
_symmetry.space_group_name_H-M   'P 21 21 21'
#
loop_
_entity.id
_entity.type
_entity.pdbx_description
1 polymer 'Peptidyl-prolyl cis-trans isomerase F, mitochondrial'
2 non-polymer (4S,7R,11S,13E,19S)-N-[2-(2-aminoethoxy)ethyl]-4-[(furan-2-yl)methyl]-3,6,12,15,21-pentaoxo-1,3,4,5,6,7,8,9,10,12,15,16,17,18,19,20,21,22-octadecahydro-2H-7,11-methano-2,5,11,16,20-benzopentaazacyclotetracosine-19-carboxamide
3 water water
#
_entity_poly.entity_id   1
_entity_poly.type   'polypeptide(L)'
_entity_poly.pdbx_seq_one_letter_code
;GNPLVYLDVDANGKPLGRVVLELKADVVPKTAENFRALCTGEKGFGYKGSTFHRVIPSFMCQAGDFTNHNGTGGKSIYGS
RFPDENFTLKHVGPGVLSMANAGPNTNGSQFFICTIKTDWLDGKHVVFGHVIEGMDVVKKIESFGSKSGRTSKKIVITDC
GQLS
;
_entity_poly.pdbx_strand_id   X
#
loop_
_chem_comp.id
_chem_comp.type
_chem_comp.name
_chem_comp.formula
I3Q non-polymer (4S,7R,11S,13E,19S)-N-[2-(2-aminoethoxy)ethyl]-4-[(furan-2-yl)methyl]-3,6,12,15,21-pentaoxo-1,3,4,5,6,7,8,9,10,12,15,16,17,18,19,20,21,22-octadecahydro-2H-7,11-methano-2,5,11,16,20-benzopentaazacyclotetracosine-19-carboxamide 'C34 H45 N7 O8'
#
# COMPACT_ATOMS: atom_id res chain seq x y z
N GLY A 1 -16.07 4.08 12.70
CA GLY A 1 -16.45 4.33 11.33
C GLY A 1 -15.32 4.27 10.32
N ASN A 2 -14.19 3.66 10.70
CA ASN A 2 -13.10 3.56 9.74
C ASN A 2 -13.37 2.47 8.71
N PRO A 3 -13.13 2.74 7.43
CA PRO A 3 -13.42 1.72 6.42
C PRO A 3 -12.47 0.54 6.49
N LEU A 4 -12.97 -0.62 6.10
CA LEU A 4 -12.18 -1.81 5.83
C LEU A 4 -12.12 -2.02 4.34
N VAL A 5 -10.91 -2.23 3.81
CA VAL A 5 -10.72 -2.56 2.40
C VAL A 5 -9.92 -3.83 2.31
N TYR A 6 -9.85 -4.40 1.11
CA TYR A 6 -9.12 -5.65 0.93
C TYR A 6 -8.31 -5.61 -0.36
N LEU A 7 -7.22 -6.36 -0.35
CA LEU A 7 -6.45 -6.68 -1.53
C LEU A 7 -6.31 -8.18 -1.61
N ASP A 8 -6.68 -8.77 -2.74
CA ASP A 8 -6.37 -10.17 -3.03
C ASP A 8 -5.11 -10.21 -3.89
N VAL A 9 -4.17 -11.07 -3.52
CA VAL A 9 -2.85 -11.06 -4.13
C VAL A 9 -2.51 -12.47 -4.60
N ASP A 10 -1.88 -12.56 -5.77
CA ASP A 10 -1.33 -13.79 -6.28
C ASP A 10 0.11 -13.56 -6.68
N ALA A 11 0.84 -14.66 -6.80
CA ALA A 11 2.24 -14.67 -7.22
C ALA A 11 2.37 -15.62 -8.39
N ASN A 12 2.78 -15.09 -9.53
CA ASN A 12 2.88 -15.89 -10.76
C ASN A 12 1.61 -16.71 -10.96
N GLY A 13 0.46 -16.07 -10.71
CA GLY A 13 -0.83 -16.68 -10.93
C GLY A 13 -1.32 -17.56 -9.81
N LYS A 14 -0.55 -17.75 -8.75
CA LYS A 14 -0.97 -18.63 -7.66
C LYS A 14 -1.47 -17.79 -6.50
N PRO A 15 -2.70 -18.00 -6.04
CA PRO A 15 -3.27 -17.09 -5.02
C PRO A 15 -2.52 -17.18 -3.71
N LEU A 16 -2.22 -16.02 -3.13
CA LEU A 16 -1.60 -15.94 -1.82
C LEU A 16 -2.60 -15.74 -0.69
N GLY A 17 -3.71 -15.10 -0.99
CA GLY A 17 -4.74 -14.82 -0.02
C GLY A 17 -5.11 -13.36 -0.02
N ARG A 18 -5.86 -12.97 1.00
CA ARG A 18 -6.45 -11.65 1.10
C ARG A 18 -5.81 -10.88 2.25
N VAL A 19 -5.42 -9.64 1.96
CA VAL A 19 -5.01 -8.69 2.98
C VAL A 19 -6.18 -7.75 3.23
N VAL A 20 -6.61 -7.65 4.49
CA VAL A 20 -7.65 -6.71 4.88
C VAL A 20 -7.00 -5.59 5.68
N LEU A 21 -7.35 -4.35 5.34
CA LEU A 21 -6.74 -3.16 5.88
C LEU A 21 -7.80 -2.27 6.48
N GLU A 22 -7.54 -1.76 7.69
CA GLU A 22 -8.34 -0.68 8.24
C GLU A 22 -7.71 0.65 7.87
N LEU A 23 -8.51 1.57 7.34
CA LEU A 23 -8.04 2.89 6.95
C LEU A 23 -8.45 3.90 8.02
N LYS A 24 -7.49 4.68 8.50
CA LYS A 24 -7.72 5.55 9.66
C LYS A 24 -8.24 6.92 9.19
N ALA A 25 -9.47 6.89 8.68
CA ALA A 25 -10.15 8.11 8.25
C ALA A 25 -10.43 9.06 9.40
N ASP A 26 -10.44 8.55 10.63
CA ASP A 26 -10.60 9.40 11.81
C ASP A 26 -9.40 10.30 12.04
N VAL A 27 -8.24 9.97 11.45
CA VAL A 27 -7.02 10.73 11.64
C VAL A 27 -6.53 11.37 10.36
N VAL A 28 -6.58 10.64 9.25
CA VAL A 28 -6.12 11.15 7.95
C VAL A 28 -7.23 10.91 6.94
N PRO A 29 -8.33 11.65 7.04
CA PRO A 29 -9.48 11.36 6.16
C PRO A 29 -9.17 11.49 4.67
N LYS A 30 -8.35 12.47 4.28
CA LYS A 30 -8.07 12.66 2.86
C LYS A 30 -7.24 11.50 2.30
N THR A 31 -6.22 11.08 3.06
CA THR A 31 -5.39 9.97 2.65
C THR A 31 -6.19 8.68 2.65
N ALA A 32 -7.01 8.45 3.68
CA ALA A 32 -7.82 7.24 3.72
C ALA A 32 -8.80 7.19 2.56
N GLU A 33 -9.43 8.32 2.23
CA GLU A 33 -10.41 8.33 1.15
C GLU A 33 -9.77 8.03 -0.19
N ASN A 34 -8.56 8.55 -0.42
CA ASN A 34 -7.84 8.25 -1.65
C ASN A 34 -7.64 6.75 -1.80
N PHE A 35 -7.12 6.10 -0.77
CA PHE A 35 -6.88 4.66 -0.83
C PHE A 35 -8.18 3.86 -1.00
N ARG A 36 -9.21 4.25 -0.27
CA ARG A 36 -10.49 3.55 -0.36
C ARG A 36 -11.01 3.61 -1.79
N ALA A 37 -10.97 4.80 -2.41
CA ALA A 37 -11.50 4.96 -3.76
C ALA A 37 -10.65 4.21 -4.78
N LEU A 38 -9.34 4.12 -4.56
CA LEU A 38 -8.51 3.35 -5.49
C LEU A 38 -8.73 1.86 -5.35
N CYS A 39 -9.17 1.40 -4.16
CA CYS A 39 -9.54 0.00 -4.01
C CYS A 39 -10.85 -0.32 -4.72
N THR A 40 -11.85 0.54 -4.61
CA THR A 40 -13.12 0.28 -5.26
C THR A 40 -13.09 0.56 -6.75
N GLY A 41 -12.15 1.39 -7.19
CA GLY A 41 -12.11 1.77 -8.59
C GLY A 41 -13.21 2.73 -9.01
N GLU A 42 -13.90 3.36 -8.06
CA GLU A 42 -15.09 4.11 -8.40
C GLU A 42 -14.80 5.36 -9.22
N LYS A 43 -13.57 5.85 -9.23
CA LYS A 43 -13.23 7.00 -10.07
C LYS A 43 -12.89 6.59 -11.50
N GLY A 44 -12.84 5.29 -11.80
CA GLY A 44 -12.47 4.81 -13.11
C GLY A 44 -11.06 4.25 -13.20
N PHE A 45 -10.32 4.29 -12.11
CA PHE A 45 -8.97 3.74 -12.06
C PHE A 45 -8.71 3.32 -10.63
N GLY A 46 -7.69 2.49 -10.45
CA GLY A 46 -7.33 2.07 -9.11
C GLY A 46 -6.38 0.89 -9.15
N TYR A 47 -6.36 0.15 -8.05
CA TYR A 47 -5.29 -0.81 -7.81
C TYR A 47 -5.49 -2.16 -8.50
N LYS A 48 -6.71 -2.50 -8.92
CA LYS A 48 -6.92 -3.84 -9.44
C LYS A 48 -6.07 -4.09 -10.68
N GLY A 49 -5.29 -5.17 -10.66
CA GLY A 49 -4.40 -5.50 -11.75
C GLY A 49 -3.01 -4.95 -11.62
N SER A 50 -2.77 -4.07 -10.65
CA SER A 50 -1.44 -3.51 -10.40
C SER A 50 -0.63 -4.47 -9.53
N THR A 51 0.62 -4.13 -9.27
CA THR A 51 1.57 -5.08 -8.69
C THR A 51 2.23 -4.53 -7.42
N PHE A 52 2.82 -5.45 -6.66
CA PHE A 52 3.85 -5.13 -5.66
C PHE A 52 5.17 -5.13 -6.42
N HIS A 53 5.65 -3.95 -6.80
CA HIS A 53 6.79 -3.87 -7.69
C HIS A 53 8.12 -3.79 -6.94
N ARG A 54 8.09 -3.58 -5.62
CA ARG A 54 9.30 -3.40 -4.83
C ARG A 54 9.06 -4.03 -3.46
N VAL A 55 9.80 -5.09 -3.16
CA VAL A 55 9.61 -5.86 -1.94
C VAL A 55 10.99 -6.10 -1.35
N ILE A 56 11.22 -5.57 -0.16
CA ILE A 56 12.52 -5.66 0.50
C ILE A 56 12.33 -6.40 1.82
N PRO A 57 12.86 -7.61 1.95
CA PRO A 57 12.67 -8.34 3.21
C PRO A 57 13.24 -7.60 4.40
N SER A 58 12.55 -7.73 5.54
CA SER A 58 12.87 -7.01 6.77
C SER A 58 12.75 -5.51 6.58
N PHE A 59 11.86 -5.08 5.70
CA PHE A 59 11.57 -3.67 5.49
C PHE A 59 10.10 -3.50 5.15
N MET A 60 9.73 -3.72 3.89
CA MET A 60 8.35 -3.43 3.50
C MET A 60 8.04 -4.01 2.12
N CYS A 61 6.74 -4.05 1.83
CA CYS A 61 6.19 -4.45 0.54
C CYS A 61 5.47 -3.26 -0.06
N GLN A 62 5.88 -2.84 -1.26
CA GLN A 62 5.44 -1.61 -1.88
C GLN A 62 4.64 -1.90 -3.13
N ALA A 63 3.54 -1.18 -3.32
CA ALA A 63 2.64 -1.42 -4.42
C ALA A 63 1.96 -0.12 -4.81
N GLY A 64 1.08 -0.20 -5.82
CA GLY A 64 0.16 0.87 -6.14
C GLY A 64 0.55 1.74 -7.29
N ASP A 65 1.64 1.45 -7.99
CA ASP A 65 1.98 2.20 -9.20
C ASP A 65 1.22 1.58 -10.37
N PHE A 66 -0.06 1.96 -10.48
CA PHE A 66 -0.91 1.35 -11.50
C PHE A 66 -0.77 2.00 -12.87
N THR A 67 0.08 3.01 -13.03
CA THR A 67 0.35 3.56 -14.35
C THR A 67 1.65 3.02 -14.95
N ASN A 68 2.72 2.93 -14.16
CA ASN A 68 4.01 2.52 -14.69
C ASN A 68 4.56 1.24 -14.07
N HIS A 69 3.98 0.76 -12.98
CA HIS A 69 4.32 -0.55 -12.44
C HIS A 69 5.80 -0.64 -12.08
N ASN A 70 6.41 0.48 -11.71
CA ASN A 70 7.84 0.44 -11.46
C ASN A 70 8.30 1.44 -10.40
N GLY A 71 7.41 2.18 -9.76
CA GLY A 71 7.79 3.09 -8.69
C GLY A 71 7.87 4.54 -9.11
N THR A 72 7.77 4.83 -10.40
CA THR A 72 7.80 6.20 -10.89
C THR A 72 6.41 6.78 -11.08
N GLY A 73 5.37 5.97 -11.03
CA GLY A 73 4.04 6.45 -11.39
C GLY A 73 2.99 6.42 -10.31
N GLY A 74 1.74 6.22 -10.74
CA GLY A 74 0.59 6.33 -9.88
C GLY A 74 -0.03 7.71 -9.92
N LYS A 75 -1.24 7.81 -9.40
CA LYS A 75 -1.86 9.10 -9.20
C LYS A 75 -2.95 8.95 -8.15
N SER A 76 -3.25 10.04 -7.48
CA SER A 76 -4.31 10.01 -6.49
C SER A 76 -5.64 10.42 -7.13
N ILE A 77 -6.72 10.24 -6.38
CA ILE A 77 -8.01 10.71 -6.85
C ILE A 77 -8.10 12.21 -6.92
N TYR A 78 -7.17 12.94 -6.29
CA TYR A 78 -7.17 14.38 -6.29
C TYR A 78 -6.34 14.98 -7.41
N GLY A 79 -5.51 14.17 -8.06
CA GLY A 79 -4.49 14.66 -8.95
C GLY A 79 -3.27 13.78 -8.88
N SER A 80 -2.22 14.12 -9.63
CA SER A 80 -1.04 13.26 -9.67
C SER A 80 -0.35 13.18 -8.31
N ARG A 81 -0.33 14.27 -7.56
CA ARG A 81 0.24 14.29 -6.21
C ARG A 81 -0.70 15.06 -5.29
N PHE A 82 -0.68 14.73 -4.01
CA PHE A 82 -1.34 15.53 -3.00
C PHE A 82 -0.48 15.60 -1.75
N PRO A 83 -0.69 16.58 -0.89
CA PRO A 83 0.26 16.83 0.21
C PRO A 83 0.19 15.78 1.30
N ASP A 84 1.25 15.79 2.12
CA ASP A 84 1.30 15.05 3.36
C ASP A 84 0.22 15.58 4.31
N GLU A 85 -0.76 14.74 4.63
CA GLU A 85 -1.91 15.22 5.40
C GLU A 85 -1.53 15.56 6.83
N ASN A 86 -0.89 14.63 7.52
CA ASN A 86 -0.30 14.87 8.84
C ASN A 86 0.59 13.67 9.11
N PHE A 87 1.41 13.77 10.16
CA PHE A 87 2.26 12.66 10.57
C PHE A 87 1.88 12.18 11.97
N THR A 88 0.59 12.20 12.28
CA THR A 88 0.13 11.85 13.62
C THR A 88 0.39 10.38 13.91
N LEU A 89 0.10 9.50 12.95
CA LEU A 89 0.29 8.07 13.13
C LEU A 89 1.73 7.69 12.76
N LYS A 90 2.27 6.72 13.49
CA LYS A 90 3.68 6.36 13.38
C LYS A 90 3.83 4.94 12.88
N HIS A 91 5.03 4.67 12.32
CA HIS A 91 5.42 3.36 11.81
C HIS A 91 5.84 2.52 13.00
N VAL A 92 4.86 1.90 13.67
CA VAL A 92 5.12 1.32 14.98
C VAL A 92 5.51 -0.15 14.92
N GLY A 93 5.30 -0.82 13.80
CA GLY A 93 5.67 -2.20 13.68
C GLY A 93 5.13 -2.84 12.42
N PRO A 94 5.24 -4.16 12.30
CA PRO A 94 4.72 -4.84 11.11
C PRO A 94 3.22 -4.62 10.94
N GLY A 95 2.80 -4.53 9.68
CA GLY A 95 1.40 -4.35 9.36
C GLY A 95 0.98 -2.92 9.18
N VAL A 96 1.84 -1.95 9.47
CA VAL A 96 1.52 -0.56 9.25
C VAL A 96 1.40 -0.28 7.76
N LEU A 97 0.37 0.48 7.40
CA LEU A 97 0.07 0.88 6.03
C LEU A 97 0.36 2.37 5.88
N SER A 98 1.21 2.72 4.91
CA SER A 98 1.78 4.05 4.82
C SER A 98 1.95 4.43 3.35
N MET A 99 1.99 5.73 3.08
CA MET A 99 2.09 6.20 1.71
C MET A 99 3.55 6.23 1.27
N ALA A 100 3.81 5.64 0.12
CA ALA A 100 5.11 5.81 -0.52
C ALA A 100 5.22 7.25 -1.02
N ASN A 101 6.44 7.76 -1.08
CA ASN A 101 6.61 9.09 -1.68
C ASN A 101 8.03 9.22 -2.20
N ALA A 102 8.23 10.29 -2.96
CA ALA A 102 9.50 10.63 -3.58
C ALA A 102 9.96 11.99 -3.07
N GLY A 103 9.65 12.27 -1.80
CA GLY A 103 9.97 13.55 -1.22
C GLY A 103 8.73 14.18 -0.61
N PRO A 104 8.90 15.34 0.02
CA PRO A 104 7.76 16.00 0.67
C PRO A 104 6.61 16.20 -0.31
N ASN A 105 5.40 15.87 0.15
CA ASN A 105 4.17 16.26 -0.54
C ASN A 105 4.13 15.72 -1.97
N THR A 106 4.43 14.43 -2.11
CA THR A 106 4.39 13.77 -3.41
C THR A 106 3.56 12.49 -3.36
N ASN A 107 2.64 12.40 -2.42
CA ASN A 107 1.74 11.25 -2.34
C ASN A 107 0.90 11.13 -3.61
N GLY A 108 0.73 9.91 -4.09
CA GLY A 108 -0.18 9.65 -5.18
C GLY A 108 -1.03 8.45 -4.89
N SER A 109 -0.65 7.30 -5.45
CA SER A 109 -1.32 6.04 -5.19
C SER A 109 -0.40 5.00 -4.58
N GLN A 110 0.90 5.17 -4.66
CA GLN A 110 1.81 4.15 -4.18
C GLN A 110 1.79 4.09 -2.66
N PHE A 111 1.85 2.87 -2.14
CA PHE A 111 1.78 2.64 -0.72
C PHE A 111 2.71 1.49 -0.35
N PHE A 112 2.88 1.30 0.96
CA PHE A 112 3.64 0.16 1.42
C PHE A 112 3.07 -0.39 2.71
N ILE A 113 3.34 -1.66 2.93
CA ILE A 113 2.98 -2.36 4.15
C ILE A 113 4.27 -2.78 4.82
N CYS A 114 4.47 -2.33 6.05
CA CYS A 114 5.70 -2.61 6.76
C CYS A 114 5.75 -4.06 7.22
N THR A 115 6.96 -4.65 7.21
CA THR A 115 7.16 -5.96 7.80
C THR A 115 7.99 -5.89 9.06
N ILE A 116 8.50 -4.71 9.40
CA ILE A 116 9.15 -4.44 10.67
C ILE A 116 8.69 -3.06 11.13
N LYS A 117 9.18 -2.63 12.29
CA LYS A 117 8.98 -1.25 12.71
C LYS A 117 9.90 -0.36 11.88
N THR A 118 9.33 0.49 11.04
CA THR A 118 10.12 1.38 10.20
C THR A 118 10.11 2.80 10.76
N ASP A 119 10.55 2.93 12.01
CA ASP A 119 10.36 4.20 12.71
C ASP A 119 11.21 5.34 12.15
N TRP A 120 12.23 5.05 11.34
CA TRP A 120 12.98 6.12 10.70
C TRP A 120 12.15 6.86 9.65
N LEU A 121 11.00 6.32 9.25
CA LEU A 121 10.09 6.99 8.34
C LEU A 121 9.08 7.88 9.06
N ASP A 122 9.05 7.88 10.39
CA ASP A 122 8.13 8.76 11.11
C ASP A 122 8.38 10.21 10.76
N GLY A 123 7.32 10.93 10.44
CA GLY A 123 7.41 12.32 10.03
C GLY A 123 7.86 12.53 8.61
N LYS A 124 8.03 11.45 7.85
CA LYS A 124 8.49 11.48 6.47
C LYS A 124 7.53 10.81 5.52
N HIS A 125 6.82 9.80 5.96
CA HIS A 125 5.75 9.15 5.22
C HIS A 125 4.49 9.15 6.05
N VAL A 126 3.35 9.31 5.36
CA VAL A 126 2.07 9.45 6.04
C VAL A 126 1.50 8.04 6.28
N VAL A 127 1.41 7.66 7.55
CA VAL A 127 0.74 6.43 7.96
C VAL A 127 -0.76 6.66 7.94
N PHE A 128 -1.51 5.70 7.38
CA PHE A 128 -2.95 5.88 7.28
C PHE A 128 -3.76 4.61 7.51
N GLY A 129 -3.15 3.52 7.95
CA GLY A 129 -3.93 2.35 8.29
C GLY A 129 -3.04 1.20 8.75
N HIS A 130 -3.64 0.04 8.81
CA HIS A 130 -2.89 -1.15 9.20
C HIS A 130 -3.64 -2.40 8.80
N VAL A 131 -2.90 -3.51 8.82
CA VAL A 131 -3.43 -4.82 8.47
C VAL A 131 -4.32 -5.34 9.58
N ILE A 132 -5.57 -5.66 9.24
CA ILE A 132 -6.52 -6.33 10.13
C ILE A 132 -6.39 -7.84 10.04
N GLU A 133 -6.20 -8.33 8.82
CA GLU A 133 -6.20 -9.75 8.51
C GLU A 133 -5.24 -9.93 7.35
N GLY A 134 -4.51 -11.04 7.38
CA GLY A 134 -3.64 -11.39 6.29
C GLY A 134 -2.19 -10.96 6.42
N MET A 135 -1.68 -10.77 7.64
CA MET A 135 -0.24 -10.56 7.76
C MET A 135 0.53 -11.74 7.19
N ASP A 136 -0.02 -12.94 7.26
CA ASP A 136 0.67 -14.09 6.69
C ASP A 136 0.79 -13.95 5.19
N VAL A 137 -0.19 -13.32 4.55
CA VAL A 137 -0.10 -13.04 3.11
C VAL A 137 1.03 -12.06 2.84
N VAL A 138 1.11 -11.00 3.65
CA VAL A 138 2.18 -10.03 3.51
C VAL A 138 3.55 -10.70 3.66
N LYS A 139 3.69 -11.60 4.63
CA LYS A 139 4.95 -12.30 4.79
C LYS A 139 5.25 -13.20 3.59
N LYS A 140 4.21 -13.76 2.95
CA LYS A 140 4.43 -14.49 1.70
C LYS A 140 4.94 -13.55 0.62
N ILE A 141 4.33 -12.37 0.47
CA ILE A 141 4.81 -11.39 -0.49
C ILE A 141 6.26 -11.04 -0.20
N GLU A 142 6.56 -10.77 1.07
CA GLU A 142 7.91 -10.40 1.46
C GLU A 142 8.92 -11.46 1.05
N SER A 143 8.55 -12.72 1.13
CA SER A 143 9.43 -13.83 0.78
C SER A 143 9.80 -13.86 -0.69
N PHE A 144 9.14 -13.08 -1.54
CA PHE A 144 9.49 -13.01 -2.96
C PHE A 144 10.31 -11.77 -3.29
N GLY A 145 10.74 -11.01 -2.29
CA GLY A 145 11.52 -9.82 -2.50
C GLY A 145 13.01 -10.11 -2.48
N SER A 146 13.78 -9.02 -2.36
CA SER A 146 15.23 -9.12 -2.35
C SER A 146 15.77 -7.83 -1.76
N LYS A 147 17.07 -7.83 -1.46
CA LYS A 147 17.67 -6.63 -0.88
C LYS A 147 17.48 -5.42 -1.78
N SER A 148 17.52 -5.61 -3.10
CA SER A 148 17.36 -4.51 -4.04
C SER A 148 15.91 -4.09 -4.19
N GLY A 149 14.97 -4.90 -3.74
CA GLY A 149 13.57 -4.68 -3.98
C GLY A 149 13.02 -5.42 -5.17
N ARG A 150 13.89 -5.88 -6.07
CA ARG A 150 13.45 -6.71 -7.18
CA ARG A 150 13.45 -6.71 -7.19
C ARG A 150 12.71 -7.93 -6.66
N THR A 151 11.57 -8.25 -7.27
CA THR A 151 10.85 -9.44 -6.87
C THR A 151 11.25 -10.61 -7.75
N SER A 152 11.09 -11.81 -7.21
CA SER A 152 11.42 -13.05 -7.91
C SER A 152 10.19 -13.69 -8.56
N LYS A 153 9.01 -13.14 -8.31
CA LYS A 153 7.79 -13.53 -8.98
C LYS A 153 6.97 -12.27 -9.21
N LYS A 154 6.03 -12.35 -10.14
CA LYS A 154 5.13 -11.24 -10.40
C LYS A 154 3.98 -11.27 -9.38
N ILE A 155 3.91 -10.25 -8.53
CA ILE A 155 2.98 -10.20 -7.42
C ILE A 155 1.88 -9.23 -7.78
N VAL A 156 0.67 -9.73 -8.00
CA VAL A 156 -0.41 -8.97 -8.59
C VAL A 156 -1.57 -8.84 -7.62
N ILE A 157 -2.10 -7.63 -7.49
CA ILE A 157 -3.37 -7.37 -6.82
C ILE A 157 -4.47 -7.81 -7.78
N THR A 158 -4.98 -9.04 -7.62
CA THR A 158 -5.93 -9.59 -8.56
C THR A 158 -7.34 -9.05 -8.35
N ASP A 159 -7.62 -8.57 -7.14
CA ASP A 159 -8.90 -7.94 -6.85
C ASP A 159 -8.69 -7.05 -5.64
N CYS A 160 -9.56 -6.06 -5.51
CA CYS A 160 -9.55 -5.17 -4.36
C CYS A 160 -10.91 -4.53 -4.29
N GLY A 161 -11.22 -3.97 -3.13
CA GLY A 161 -12.51 -3.32 -2.95
C GLY A 161 -12.69 -2.91 -1.51
N GLN A 162 -13.92 -2.51 -1.20
CA GLN A 162 -14.28 -2.06 0.14
C GLN A 162 -15.21 -3.07 0.79
N LEU A 163 -14.90 -3.43 2.02
CA LEU A 163 -15.71 -4.35 2.81
C LEU A 163 -16.73 -3.64 3.69
N SER A 164 -16.39 -2.47 4.21
CA SER A 164 -17.29 -1.73 5.07
C SER A 164 -16.80 -0.30 5.22
C10 I3Q B . 13.49 4.39 -5.64
C13 I3Q B . 11.79 7.24 -7.37
C15 I3Q B . 11.21 4.99 -8.40
C17 I3Q B . 11.00 7.20 -5.98
C20 I3Q B . 7.55 5.91 -4.96
C21 I3Q B . 6.68 7.13 -5.28
C22 I3Q B . 6.76 7.92 -6.43
C24 I3Q B . 5.14 8.72 -5.11
C26 I3Q B . 9.69 5.43 -3.85
C02 I3Q B . 15.64 2.47 2.03
C03 I3Q B . 15.52 3.48 0.89
C04 I3Q B . 16.80 4.30 0.74
C05 I3Q B . 16.71 5.39 -0.38
C07 I3Q B . 14.87 5.22 -2.15
C08 I3Q B . 14.35 4.46 -3.37
C09 I3Q B . 13.99 5.19 -4.43
C12 I3Q B . 13.17 6.68 -6.97
C14 I3Q B . 11.09 6.46 -8.39
C16 I3Q B . 12.60 4.45 -8.05
C19 I3Q B . 8.95 6.43 -4.71
C23 I3Q B . 5.79 8.90 -6.31
C32 I3Q B . 13.08 4.10 0.75
C33 I3Q B . 12.00 5.15 1.09
C34 I3Q B . 10.61 4.58 0.84
C35 I3Q B . 10.08 4.50 -0.46
C36 I3Q B . 10.91 5.01 -1.65
C38 I3Q B . 8.82 3.97 -0.65
C39 I3Q B . 8.12 3.51 0.45
C40 I3Q B . 8.66 3.59 1.73
C41 I3Q B . 9.91 4.12 1.91
C44 I3Q B . 16.34 0.11 2.69
C45 I3Q B . 17.80 -0.42 2.67
C47 I3Q B . 18.83 -1.00 0.63
C48 I3Q B . 18.66 -1.95 -0.55
N06 I3Q B . 16.12 4.74 -1.59
N11 I3Q B . 13.11 5.17 -6.83
N18 I3Q B . 9.70 6.53 -5.97
N31 I3Q B . 14.44 4.42 1.19
N37 I3Q B . 10.16 5.91 -2.56
N43 I3Q B . 16.19 1.15 1.67
N49 I3Q B . 17.92 -1.29 -1.64
O01 I3Q B . 15.30 2.72 3.15
O25 I3Q B . 5.72 7.63 -4.50
O27 I3Q B . 9.86 4.34 -4.27
O28 I3Q B . 11.47 7.66 -4.96
O29 I3Q B . 13.41 3.21 -5.59
O30 I3Q B . 14.27 6.15 -1.72
O42 I3Q B . 12.83 3.09 0.17
O46 I3Q B . 17.91 -1.37 1.64
H131 I3Q B . 11.85 8.12 -7.76
H151 I3Q B . 10.58 4.63 -7.76
H152 I3Q B . 10.99 4.68 -9.28
H201 I3Q B . 7.21 5.46 -4.16
H202 I3Q B . 7.54 5.29 -5.70
H221 I3Q B . 7.35 7.80 -7.13
H241 I3Q B . 4.45 9.24 -4.76
H031 I3Q B . 15.36 2.98 0.09
H042 I3Q B . 17.00 4.74 1.57
H041 I3Q B . 17.53 3.70 0.51
H052 I3Q B . 17.60 5.73 -0.59
H051 I3Q B . 16.14 6.12 -0.10
H081 I3Q B . 14.28 3.53 -3.37
H091 I3Q B . 14.05 6.11 -4.43
H122 I3Q B . 13.82 6.91 -7.65
H121 I3Q B . 13.44 7.07 -6.12
H142 I3Q B . 10.15 6.66 -8.30
H141 I3Q B . 11.41 6.78 -9.24
H162 I3Q B . 12.55 3.50 -7.87
H161 I3Q B . 13.21 4.59 -8.79
H191 I3Q B . 8.86 7.31 -4.30
H231 I3Q B . 5.61 9.58 -6.93
H331 I3Q B . 12.13 5.94 0.53
H332 I3Q B . 12.08 5.41 2.01
H362 I3Q B . 11.22 4.25 -2.16
H361 I3Q B . 11.68 5.50 -1.31
H381 I3Q B . 8.46 3.92 -1.51
H391 I3Q B . 7.27 3.15 0.33
H401 I3Q B . 8.18 3.27 2.46
H411 I3Q B . 10.27 4.17 2.77
H441 I3Q B . 16.15 0.49 3.57
H442 I3Q B . 15.72 -0.62 2.52
H452 I3Q B . 18.40 0.32 2.50
H451 I3Q B . 18.01 -0.83 3.52
H471 I3Q B . 18.66 -0.09 0.36
H472 I3Q B . 19.74 -1.07 0.98
H481 I3Q B . 18.17 -2.74 -0.27
H482 I3Q B . 19.53 -2.21 -0.89
H061 I3Q B . 16.54 4.08 -1.97
H181 I3Q B . 9.39 6.19 -6.69
H311 I3Q B . 14.59 5.14 1.62
H371 I3Q B . 9.99 6.71 -2.31
H431 I3Q B . 16.42 0.99 0.85
H492 I3Q B . 17.08 -1.58 -1.62
H491 I3Q B . 18.29 -1.52 -2.41
#